data_4E98
#
_entry.id   4E98
#
_cell.length_a   94.460
_cell.length_b   55.590
_cell.length_c   67.290
_cell.angle_alpha   90.00
_cell.angle_beta   108.21
_cell.angle_gamma   90.00
#
_symmetry.space_group_name_H-M   'C 1 2 1'
#
loop_
_entity.id
_entity.type
_entity.pdbx_description
1 polymer 'CutA1 divalent ion tolerance protein'
2 non-polymer 'CHLORIDE ION'
3 water water
#
_entity_poly.entity_id   1
_entity_poly.type   'polypeptide(L)'
_entity_poly.pdbx_seq_one_letter_code
;MAHHHHHHMGTLEAQTQGPGSMINSNMTETKIESNIILIYISAPNQDEATSIAKTLVDEELCACVSIIPSVRSIYKFKGQ
VHDENEVMLLVKTTSQLFTTLKEKVTEIHSYELPEIIATKVVYGNENYINWVNQTVRS
;
_entity_poly.pdbx_strand_id   A,B,C
#
# COMPACT_ATOMS: atom_id res chain seq x y z
N THR A 28 17.31 18.69 3.64
CA THR A 28 16.86 19.34 2.37
C THR A 28 15.50 18.85 1.90
N GLU A 29 14.56 19.79 1.87
CA GLU A 29 13.25 19.61 1.34
C GLU A 29 13.30 19.40 -0.19
N THR A 30 12.53 18.41 -0.63
CA THR A 30 12.26 18.21 -2.09
C THR A 30 11.78 19.60 -2.71
N LYS A 31 12.38 20.04 -3.83
CA LYS A 31 12.04 21.36 -4.43
C LYS A 31 11.23 21.26 -5.74
N ILE A 32 10.70 20.07 -6.02
CA ILE A 32 9.84 19.83 -7.18
C ILE A 32 8.55 19.17 -6.71
N GLU A 33 7.55 19.25 -7.59
CA GLU A 33 6.26 18.63 -7.30
C GLU A 33 6.36 17.16 -7.63
N SER A 34 5.54 16.33 -6.99
CA SER A 34 5.46 14.93 -7.42
C SER A 34 4.29 14.67 -8.34
N ASN A 35 4.62 14.11 -9.51
CA ASN A 35 3.62 13.60 -10.43
C ASN A 35 3.63 12.08 -10.38
N ILE A 36 4.12 11.50 -9.29
CA ILE A 36 4.19 10.02 -9.20
C ILE A 36 2.90 9.43 -8.66
N ILE A 37 2.47 8.29 -9.22
CA ILE A 37 1.36 7.49 -8.69
C ILE A 37 1.81 6.05 -8.42
N LEU A 38 1.09 5.44 -7.50
CA LEU A 38 1.25 4.06 -7.13
C LEU A 38 -0.08 3.33 -7.41
N ILE A 39 -0.06 2.39 -8.36
CA ILE A 39 -1.29 1.71 -8.85
C ILE A 39 -1.39 0.29 -8.26
N TYR A 40 -2.52 -0.04 -7.65
CA TYR A 40 -2.78 -1.41 -7.19
C TYR A 40 -3.51 -2.13 -8.32
N ILE A 41 -2.97 -3.26 -8.73
CA ILE A 41 -3.60 -4.10 -9.73
C ILE A 41 -3.63 -5.49 -9.14
N SER A 42 -4.76 -6.16 -9.22
CA SER A 42 -4.81 -7.51 -8.72
C SER A 42 -4.82 -8.52 -9.85
N ALA A 43 -4.33 -9.72 -9.55
CA ALA A 43 -4.21 -10.81 -10.53
C ALA A 43 -4.47 -12.15 -9.84
N PRO A 44 -4.98 -13.14 -10.58
CA PRO A 44 -5.41 -14.37 -9.93
C PRO A 44 -4.26 -15.30 -9.54
N ASN A 45 -3.07 -15.08 -10.10
CA ASN A 45 -1.92 -15.94 -9.81
C ASN A 45 -0.60 -15.25 -10.14
N GLN A 46 0.48 -15.82 -9.64
CA GLN A 46 1.79 -15.22 -9.76
C GLN A 46 2.23 -15.16 -11.25
N ASP A 47 1.85 -16.16 -12.03
CA ASP A 47 2.28 -16.25 -13.42
C ASP A 47 1.75 -15.04 -14.22
N GLU A 48 0.47 -14.72 -14.05
CA GLU A 48 -0.14 -13.58 -14.74
C GLU A 48 0.33 -12.24 -14.18
N ALA A 49 0.49 -12.14 -12.86
CA ALA A 49 1.07 -10.97 -12.26
C ALA A 49 2.39 -10.62 -12.89
N THR A 50 3.27 -11.61 -12.98
CA THR A 50 4.59 -11.42 -13.57
C THR A 50 4.57 -11.07 -15.04
N SER A 51 3.71 -11.73 -15.85
CA SER A 51 3.68 -11.41 -17.29
C SER A 51 3.12 -10.01 -17.51
N ILE A 52 2.12 -9.64 -16.72
CA ILE A 52 1.58 -8.28 -16.81
C ILE A 52 2.68 -7.26 -16.42
N ALA A 53 3.38 -7.50 -15.31
CA ALA A 53 4.40 -6.54 -14.81
C ALA A 53 5.56 -6.37 -15.82
N LYS A 54 6.02 -7.45 -16.39
CA LYS A 54 7.11 -7.40 -17.40
C LYS A 54 6.71 -6.67 -18.68
N THR A 55 5.44 -6.83 -19.10
CA THR A 55 4.93 -6.08 -20.26
C THR A 55 4.91 -4.57 -19.98
N LEU A 56 4.35 -4.18 -18.84
CA LEU A 56 4.29 -2.74 -18.50
C LEU A 56 5.69 -2.09 -18.38
N VAL A 57 6.61 -2.82 -17.78
CA VAL A 57 8.00 -2.35 -17.65
C VAL A 57 8.69 -2.27 -19.05
N ASP A 58 8.54 -3.33 -19.84
CA ASP A 58 9.23 -3.39 -21.11
C ASP A 58 8.74 -2.28 -22.04
N GLU A 59 7.44 -2.01 -22.02
CA GLU A 59 6.84 -0.99 -22.85
C GLU A 59 6.95 0.42 -22.25
N GLU A 60 7.65 0.53 -21.13
CA GLU A 60 7.95 1.81 -20.49
C GLU A 60 6.70 2.57 -20.05
N LEU A 61 5.67 1.83 -19.68
CA LEU A 61 4.43 2.41 -19.14
C LEU A 61 4.52 2.60 -17.62
N CYS A 62 5.56 2.04 -17.03
CA CYS A 62 5.88 2.28 -15.63
C CYS A 62 7.40 2.22 -15.45
N ALA A 63 7.90 2.67 -14.30
CA ALA A 63 9.35 2.57 -13.97
C ALA A 63 9.68 1.23 -13.26
N CYS A 64 8.80 0.77 -12.38
CA CYS A 64 8.97 -0.50 -11.66
C CYS A 64 7.66 -1.01 -11.06
N VAL A 65 7.64 -2.28 -10.68
CA VAL A 65 6.48 -2.95 -10.08
C VAL A 65 6.94 -3.81 -8.92
N SER A 66 6.20 -3.76 -7.83
CA SER A 66 6.46 -4.66 -6.69
C SER A 66 5.29 -5.63 -6.60
N ILE A 67 5.56 -6.91 -6.55
CA ILE A 67 4.54 -7.94 -6.54
C ILE A 67 4.47 -8.61 -5.18
N ILE A 68 3.31 -8.53 -4.55
CA ILE A 68 3.08 -9.09 -3.22
C ILE A 68 2.40 -10.42 -3.38
N PRO A 69 3.02 -11.48 -2.88
CA PRO A 69 2.45 -12.79 -3.12
C PRO A 69 1.43 -13.20 -2.05
N SER A 70 0.64 -14.21 -2.39
CA SER A 70 -0.06 -15.01 -1.41
C SER A 70 -1.17 -14.23 -0.72
N VAL A 71 -1.84 -13.35 -1.46
CA VAL A 71 -2.89 -12.52 -0.88
C VAL A 71 -4.26 -13.26 -0.96
N ARG A 72 -5.15 -13.02 0.01
CA ARG A 72 -6.51 -13.57 -0.01
C ARG A 72 -7.53 -12.47 -0.35
N SER A 73 -8.44 -12.78 -1.26
CA SER A 73 -9.44 -11.84 -1.73
C SER A 73 -10.81 -12.28 -1.20
N ILE A 74 -11.46 -11.39 -0.45
CA ILE A 74 -12.77 -11.64 0.13
C ILE A 74 -13.77 -10.69 -0.50
N TYR A 75 -14.86 -11.25 -1.03
CA TYR A 75 -15.86 -10.43 -1.70
C TYR A 75 -17.18 -11.25 -1.76
N LYS A 76 -18.28 -10.60 -2.06
CA LYS A 76 -19.59 -11.23 -2.12
C LYS A 76 -19.99 -11.41 -3.59
N PHE A 77 -20.52 -12.57 -3.96
CA PHE A 77 -20.96 -12.82 -5.34
C PHE A 77 -22.22 -13.64 -5.30
N LYS A 78 -23.27 -13.11 -5.91
CA LYS A 78 -24.57 -13.75 -5.92
C LYS A 78 -25.03 -14.10 -4.52
N GLY A 79 -24.76 -13.20 -3.58
CA GLY A 79 -25.21 -13.36 -2.20
C GLY A 79 -24.31 -14.16 -1.25
N GLN A 80 -23.25 -14.77 -1.78
CA GLN A 80 -22.35 -15.58 -0.97
C GLN A 80 -20.99 -14.90 -0.85
N VAL A 81 -20.38 -15.02 0.34
CA VAL A 81 -19.04 -14.51 0.58
C VAL A 81 -17.99 -15.52 0.06
N HIS A 82 -17.07 -15.04 -0.78
CA HIS A 82 -15.98 -15.84 -1.33
C HIS A 82 -14.64 -15.46 -0.74
N ASP A 83 -13.72 -16.41 -0.73
CA ASP A 83 -12.34 -16.25 -0.21
C ASP A 83 -11.45 -16.96 -1.23
N GLU A 84 -10.82 -16.19 -2.11
CA GLU A 84 -10.02 -16.74 -3.22
C GLU A 84 -8.58 -16.26 -3.12
N ASN A 85 -7.65 -16.95 -3.76
CA ASN A 85 -6.31 -16.40 -3.68
C ASN A 85 -6.06 -15.39 -4.81
N GLU A 86 -5.17 -14.44 -4.54
CA GLU A 86 -4.79 -13.44 -5.51
C GLU A 86 -3.32 -13.01 -5.26
N VAL A 87 -2.81 -12.21 -6.19
CA VAL A 87 -1.49 -11.61 -6.15
C VAL A 87 -1.68 -10.12 -6.40
N MET A 88 -0.97 -9.27 -5.67
CA MET A 88 -1.15 -7.82 -5.81
CA MET A 88 -1.14 -7.83 -5.81
C MET A 88 0.10 -7.17 -6.44
N LEU A 89 -0.10 -6.40 -7.50
CA LEU A 89 0.98 -5.61 -8.12
C LEU A 89 0.88 -4.19 -7.59
N LEU A 90 2.02 -3.61 -7.21
CA LEU A 90 2.09 -2.18 -6.93
C LEU A 90 2.95 -1.54 -7.99
N VAL A 91 2.33 -0.75 -8.85
CA VAL A 91 2.97 -0.28 -10.06
C VAL A 91 3.32 1.18 -9.86
N LYS A 92 4.56 1.57 -10.11
CA LYS A 92 5.01 2.96 -9.92
C LYS A 92 5.18 3.64 -11.25
N THR A 93 4.49 4.75 -11.46
CA THR A 93 4.59 5.46 -12.74
C THR A 93 4.17 6.92 -12.54
N THR A 94 3.87 7.61 -13.62
CA THR A 94 3.45 9.03 -13.58
C THR A 94 1.94 9.20 -13.80
N SER A 95 1.35 10.25 -13.25
CA SER A 95 -0.07 10.52 -13.50
C SER A 95 -0.39 10.57 -15.01
N GLN A 96 0.54 11.11 -15.78
CA GLN A 96 0.37 11.27 -17.23
C GLN A 96 0.17 9.92 -17.99
N LEU A 97 0.72 8.83 -17.46
CA LEU A 97 0.62 7.51 -18.07
C LEU A 97 -0.53 6.64 -17.61
N PHE A 98 -1.36 7.14 -16.69
CA PHE A 98 -2.38 6.27 -16.12
C PHE A 98 -3.31 5.69 -17.18
N THR A 99 -3.87 6.55 -18.00
CA THR A 99 -4.84 6.08 -19.00
C THR A 99 -4.27 5.11 -20.01
N THR A 100 -3.05 5.35 -20.50
CA THR A 100 -2.39 4.40 -21.45
C THR A 100 -2.08 3.05 -20.79
N LEU A 101 -1.61 3.10 -19.56
CA LEU A 101 -1.35 1.88 -18.80
C LEU A 101 -2.64 1.11 -18.52
N LYS A 102 -3.65 1.81 -18.03
CA LYS A 102 -4.98 1.22 -17.79
C LYS A 102 -5.50 0.48 -19.03
N GLU A 103 -5.43 1.12 -20.19
CA GLU A 103 -5.89 0.47 -21.45
C GLU A 103 -5.10 -0.79 -21.79
N LYS A 104 -3.79 -0.76 -21.55
CA LYS A 104 -2.97 -1.98 -21.79
C LYS A 104 -3.37 -3.08 -20.87
N VAL A 105 -3.51 -2.76 -19.59
CA VAL A 105 -3.87 -3.78 -18.61
C VAL A 105 -5.23 -4.38 -18.98
N THR A 106 -6.21 -3.53 -19.30
CA THR A 106 -7.54 -4.07 -19.57
C THR A 106 -7.49 -4.91 -20.87
N GLU A 107 -6.62 -4.59 -21.81
CA GLU A 107 -6.45 -5.39 -23.02
C GLU A 107 -6.00 -6.84 -22.71
N ILE A 108 -5.05 -7.01 -21.80
CA ILE A 108 -4.40 -8.30 -21.57
C ILE A 108 -4.88 -9.10 -20.35
N HIS A 109 -5.56 -8.45 -19.42
CA HIS A 109 -5.97 -9.11 -18.17
C HIS A 109 -6.99 -10.20 -18.38
N SER A 110 -6.79 -11.36 -17.75
CA SER A 110 -7.73 -12.47 -17.87
C SER A 110 -9.13 -12.16 -17.25
N TYR A 111 -9.23 -11.25 -16.29
CA TYR A 111 -10.53 -10.89 -15.72
C TYR A 111 -11.34 -10.02 -16.66
N GLU A 112 -12.66 -10.22 -16.68
CA GLU A 112 -13.55 -9.30 -17.38
C GLU A 112 -13.57 -7.92 -16.71
N LEU A 113 -13.50 -7.88 -15.39
CA LEU A 113 -13.49 -6.61 -14.66
C LEU A 113 -12.34 -6.59 -13.69
N PRO A 114 -11.15 -6.18 -14.16
CA PRO A 114 -10.01 -6.13 -13.27
C PRO A 114 -10.04 -4.90 -12.35
N GLU A 115 -9.16 -4.91 -11.37
CA GLU A 115 -9.03 -3.83 -10.38
C GLU A 115 -7.79 -3.03 -10.70
N ILE A 116 -7.98 -1.79 -11.14
CA ILE A 116 -6.89 -0.91 -11.49
C ILE A 116 -7.11 0.43 -10.81
N ILE A 117 -6.48 0.63 -9.65
CA ILE A 117 -6.75 1.78 -8.81
C ILE A 117 -5.46 2.51 -8.36
N ALA A 118 -5.40 3.80 -8.71
CA ALA A 118 -4.23 4.62 -8.45
C ALA A 118 -4.38 5.39 -7.15
N THR A 119 -3.28 5.49 -6.43
CA THR A 119 -3.13 6.42 -5.31
C THR A 119 -2.00 7.42 -5.62
N LYS A 120 -2.07 8.59 -5.00
CA LYS A 120 -1.12 9.67 -5.30
C LYS A 120 0.06 9.62 -4.36
N VAL A 121 1.26 9.71 -4.91
CA VAL A 121 2.46 9.89 -4.12
C VAL A 121 2.60 11.39 -3.86
N VAL A 122 2.31 11.81 -2.64
CA VAL A 122 2.40 13.23 -2.26
C VAL A 122 3.83 13.69 -1.94
N TYR A 123 4.68 12.80 -1.40
CA TYR A 123 6.07 13.12 -1.03
C TYR A 123 6.97 12.02 -1.56
N GLY A 124 8.15 12.41 -2.06
CA GLY A 124 9.17 11.44 -2.46
C GLY A 124 10.56 12.04 -2.41
N ASN A 125 11.57 11.19 -2.37
CA ASN A 125 12.91 11.68 -2.55
C ASN A 125 13.11 12.18 -3.97
N GLU A 126 13.71 13.36 -4.08
CA GLU A 126 13.78 14.08 -5.34
C GLU A 126 14.46 13.29 -6.44
N ASN A 127 15.54 12.58 -6.09
CA ASN A 127 16.26 11.78 -7.09
C ASN A 127 15.37 10.65 -7.66
N TYR A 128 14.52 10.08 -6.84
CA TYR A 128 13.62 9.01 -7.27
C TYR A 128 12.50 9.55 -8.15
N ILE A 129 11.94 10.70 -7.80
CA ILE A 129 10.96 11.33 -8.66
C ILE A 129 11.52 11.59 -10.05
N ASN A 130 12.75 12.08 -10.10
CA ASN A 130 13.44 12.29 -11.38
C ASN A 130 13.70 11.02 -12.16
N TRP A 131 14.12 9.98 -11.47
CA TRP A 131 14.34 8.66 -12.08
C TRP A 131 13.08 8.12 -12.73
N VAL A 132 11.93 8.18 -12.04
CA VAL A 132 10.67 7.66 -12.62
C VAL A 132 10.35 8.43 -13.90
N ASN A 133 10.43 9.75 -13.82
CA ASN A 133 10.17 10.59 -14.99
C ASN A 133 11.14 10.36 -16.18
N GLN A 134 12.41 10.06 -15.90
CA GLN A 134 13.37 9.76 -16.97
C GLN A 134 13.19 8.34 -17.53
N THR A 135 12.62 7.42 -16.76
CA THR A 135 12.55 6.01 -17.12
C THR A 135 11.32 5.69 -17.99
N VAL A 136 10.20 6.32 -17.67
CA VAL A 136 8.97 6.08 -18.41
C VAL A 136 9.03 6.79 -19.75
N ARG A 137 8.04 6.43 -20.57
CA ARG A 137 7.81 6.92 -21.93
C ARG A 137 7.70 8.44 -21.95
N ILE B 32 -9.95 14.76 -12.52
CA ILE B 32 -11.00 14.73 -11.45
C ILE B 32 -10.72 13.48 -10.62
N GLU B 33 -10.80 13.59 -9.29
CA GLU B 33 -10.52 12.46 -8.39
C GLU B 33 -11.77 11.70 -7.91
N SER B 34 -11.61 10.40 -7.65
CA SER B 34 -12.74 9.49 -7.41
C SER B 34 -13.17 9.52 -5.94
N ASN B 35 -14.33 8.92 -5.62
CA ASN B 35 -14.75 8.90 -4.22
C ASN B 35 -14.34 7.60 -3.46
N ILE B 36 -13.59 6.74 -4.14
CA ILE B 36 -13.19 5.44 -3.58
C ILE B 36 -11.98 5.64 -2.63
N ILE B 37 -11.94 4.86 -1.54
CA ILE B 37 -10.80 4.81 -0.65
C ILE B 37 -10.30 3.37 -0.47
N LEU B 38 -9.05 3.28 -0.07
CA LEU B 38 -8.42 2.05 0.30
C LEU B 38 -7.98 2.16 1.77
N ILE B 39 -8.48 1.27 2.63
CA ILE B 39 -8.28 1.36 4.11
C ILE B 39 -7.34 0.25 4.59
N TYR B 40 -6.25 0.63 5.27
CA TYR B 40 -5.34 -0.34 5.88
C TYR B 40 -5.79 -0.60 7.31
N ILE B 41 -5.96 -1.86 7.65
CA ILE B 41 -6.36 -2.28 8.97
C ILE B 41 -5.46 -3.44 9.36
N SER B 42 -4.90 -3.39 10.55
CA SER B 42 -4.04 -4.43 10.98
C SER B 42 -4.74 -5.37 11.93
N ALA B 43 -4.34 -6.65 11.96
CA ALA B 43 -4.94 -7.64 12.85
C ALA B 43 -3.86 -8.61 13.35
N PRO B 44 -4.06 -9.25 14.51
CA PRO B 44 -2.95 -10.01 15.12
C PRO B 44 -2.73 -11.41 14.55
N ASN B 45 -3.74 -11.92 13.82
CA ASN B 45 -3.64 -13.24 13.25
C ASN B 45 -4.62 -13.43 12.09
N GLN B 46 -4.40 -14.50 11.34
CA GLN B 46 -5.16 -14.75 10.12
C GLN B 46 -6.67 -14.98 10.42
N ASP B 47 -6.97 -15.63 11.53
CA ASP B 47 -8.38 -15.92 11.89
C ASP B 47 -9.21 -14.65 12.11
N GLU B 48 -8.66 -13.71 12.87
CA GLU B 48 -9.33 -12.45 13.10
C GLU B 48 -9.36 -11.57 11.84
N ALA B 49 -8.27 -11.57 11.05
CA ALA B 49 -8.29 -10.79 9.78
C ALA B 49 -9.44 -11.26 8.93
N THR B 50 -9.59 -12.56 8.80
CA THR B 50 -10.65 -13.16 8.00
C THR B 50 -12.07 -12.90 8.54
N SER B 51 -12.29 -12.98 9.85
CA SER B 51 -13.62 -12.72 10.40
C SER B 51 -13.99 -11.25 10.29
N ILE B 52 -13.03 -10.36 10.47
CA ILE B 52 -13.26 -8.93 10.24
C ILE B 52 -13.64 -8.68 8.78
N ALA B 53 -12.86 -9.23 7.84
CA ALA B 53 -13.12 -9.01 6.42
C ALA B 53 -14.47 -9.54 5.97
N LYS B 54 -14.81 -10.74 6.39
CA LYS B 54 -16.12 -11.31 6.04
C LYS B 54 -17.29 -10.51 6.60
N THR B 55 -17.14 -9.93 7.81
CA THR B 55 -18.20 -9.15 8.44
C THR B 55 -18.41 -7.88 7.61
N LEU B 56 -17.31 -7.19 7.29
CA LEU B 56 -17.41 -5.97 6.48
C LEU B 56 -18.00 -6.22 5.07
N VAL B 57 -17.60 -7.30 4.44
CA VAL B 57 -18.10 -7.67 3.12
C VAL B 57 -19.58 -8.09 3.18
N ASP B 58 -19.92 -8.94 4.15
CA ASP B 58 -21.29 -9.43 4.27
C ASP B 58 -22.27 -8.30 4.57
N GLU B 59 -21.86 -7.35 5.43
CA GLU B 59 -22.72 -6.22 5.79
C GLU B 59 -22.66 -5.07 4.79
N GLU B 60 -21.91 -5.28 3.69
CA GLU B 60 -21.87 -4.33 2.58
C GLU B 60 -21.27 -2.96 2.98
N LEU B 61 -20.34 -2.97 3.92
CA LEU B 61 -19.63 -1.76 4.31
C LEU B 61 -18.42 -1.54 3.42
N CYS B 62 -18.11 -2.57 2.63
CA CYS B 62 -17.03 -2.50 1.64
C CYS B 62 -17.38 -3.41 0.46
N ALA B 63 -16.69 -3.23 -0.67
CA ALA B 63 -16.89 -4.10 -1.86
C ALA B 63 -16.01 -5.32 -1.84
N CYS B 64 -14.77 -5.17 -1.38
CA CYS B 64 -13.84 -6.30 -1.25
C CYS B 64 -12.65 -5.95 -0.34
N VAL B 65 -11.95 -7.01 0.14
CA VAL B 65 -10.84 -6.88 1.03
C VAL B 65 -9.73 -7.75 0.48
N SER B 66 -8.49 -7.23 0.51
CA SER B 66 -7.30 -8.05 0.20
C SER B 66 -6.50 -8.24 1.49
N ILE B 67 -6.21 -9.51 1.83
CA ILE B 67 -5.53 -9.83 3.06
C ILE B 67 -4.10 -10.29 2.77
N ILE B 68 -3.13 -9.57 3.36
CA ILE B 68 -1.73 -9.88 3.20
C ILE B 68 -1.28 -10.66 4.41
N PRO B 69 -0.77 -11.88 4.21
CA PRO B 69 -0.35 -12.63 5.37
C PRO B 69 1.12 -12.30 5.75
N SER B 70 1.48 -12.66 6.97
CA SER B 70 2.86 -12.86 7.35
C SER B 70 3.61 -11.55 7.41
N VAL B 71 2.97 -10.49 7.90
CA VAL B 71 3.65 -9.22 8.05
C VAL B 71 4.30 -9.10 9.43
N ARG B 72 5.43 -8.40 9.54
CA ARG B 72 6.07 -8.12 10.84
C ARG B 72 5.80 -6.70 11.26
N SER B 73 5.38 -6.50 12.51
CA SER B 73 5.04 -5.21 13.03
C SER B 73 6.14 -4.77 14.03
N ILE B 74 6.78 -3.64 13.74
CA ILE B 74 7.85 -3.07 14.57
C ILE B 74 7.34 -1.77 15.19
N TYR B 75 7.46 -1.64 16.51
CA TYR B 75 6.95 -0.46 17.20
C TYR B 75 7.65 -0.40 18.58
N LYS B 76 7.60 0.78 19.21
CA LYS B 76 8.23 1.00 20.50
C LYS B 76 7.16 1.00 21.57
N PHE B 77 7.41 0.34 22.70
CA PHE B 77 6.46 0.33 23.81
C PHE B 77 7.22 0.39 25.11
N LYS B 78 6.90 1.39 25.93
CA LYS B 78 7.61 1.60 27.21
C LYS B 78 9.13 1.64 26.98
N GLY B 79 9.56 2.27 25.89
CA GLY B 79 10.99 2.47 25.63
C GLY B 79 11.74 1.35 24.91
N GLN B 80 11.09 0.21 24.67
CA GLN B 80 11.72 -0.93 24.02
C GLN B 80 11.08 -1.17 22.67
N VAL B 81 11.90 -1.50 21.67
CA VAL B 81 11.43 -1.82 20.32
C VAL B 81 10.93 -3.26 20.27
N HIS B 82 9.68 -3.47 19.83
CA HIS B 82 9.06 -4.81 19.65
C HIS B 82 8.96 -5.20 18.19
N ASP B 83 8.91 -6.52 17.93
CA ASP B 83 8.78 -7.11 16.59
C ASP B 83 7.78 -8.28 16.70
N GLU B 84 6.54 -8.07 16.26
CA GLU B 84 5.44 -9.05 16.40
C GLU B 84 4.81 -9.44 15.08
N ASN B 85 4.12 -10.55 15.01
CA ASN B 85 3.44 -10.92 13.74
C ASN B 85 2.14 -10.17 13.61
N GLU B 86 1.81 -9.79 12.38
CA GLU B 86 0.48 -9.24 12.11
C GLU B 86 0.07 -9.65 10.71
N VAL B 87 -1.20 -9.36 10.43
CA VAL B 87 -1.84 -9.63 9.15
C VAL B 87 -2.47 -8.30 8.73
N MET B 88 -2.35 -7.95 7.45
CA MET B 88 -2.83 -6.63 6.98
CA MET B 88 -2.83 -6.66 6.98
C MET B 88 -4.05 -6.80 6.07
N LEU B 89 -5.12 -6.07 6.37
CA LEU B 89 -6.28 -6.01 5.47
C LEU B 89 -6.19 -4.73 4.66
N LEU B 90 -6.42 -4.83 3.34
CA LEU B 90 -6.64 -3.67 2.47
C LEU B 90 -8.09 -3.65 2.00
N VAL B 91 -8.86 -2.69 2.50
CA VAL B 91 -10.31 -2.70 2.38
C VAL B 91 -10.69 -1.65 1.35
N LYS B 92 -11.45 -2.04 0.31
CA LYS B 92 -11.87 -1.09 -0.73
C LYS B 92 -13.32 -0.68 -0.53
N THR B 93 -13.58 0.62 -0.44
CA THR B 93 -14.97 1.09 -0.19
C THR B 93 -15.09 2.55 -0.62
N THR B 94 -16.22 3.19 -0.29
CA THR B 94 -16.47 4.62 -0.66
C THR B 94 -16.19 5.54 0.53
N SER B 95 -15.78 6.78 0.25
CA SER B 95 -15.51 7.73 1.32
C SER B 95 -16.70 7.89 2.25
N GLN B 96 -17.92 7.83 1.71
CA GLN B 96 -19.13 8.04 2.52
C GLN B 96 -19.27 6.98 3.60
N LEU B 97 -18.77 5.78 3.38
CA LEU B 97 -18.86 4.70 4.37
C LEU B 97 -17.74 4.66 5.43
N PHE B 98 -16.74 5.56 5.35
CA PHE B 98 -15.56 5.50 6.24
C PHE B 98 -15.98 5.48 7.73
N THR B 99 -16.83 6.41 8.11
CA THR B 99 -17.20 6.52 9.53
C THR B 99 -17.97 5.31 10.03
N THR B 100 -18.92 4.79 9.25
CA THR B 100 -19.64 3.60 9.66
C THR B 100 -18.74 2.37 9.75
N LEU B 101 -17.85 2.22 8.78
CA LEU B 101 -16.92 1.09 8.74
C LEU B 101 -15.94 1.16 9.93
N LYS B 102 -15.40 2.32 10.16
CA LYS B 102 -14.57 2.58 11.31
C LYS B 102 -15.26 2.15 12.63
N GLU B 103 -16.52 2.54 12.82
CA GLU B 103 -17.22 2.23 14.07
C GLU B 103 -17.44 0.71 14.21
N LYS B 104 -17.71 0.04 13.08
CA LYS B 104 -17.87 -1.44 13.11
C LYS B 104 -16.55 -2.09 13.51
N VAL B 105 -15.45 -1.66 12.87
CA VAL B 105 -14.13 -2.26 13.17
C VAL B 105 -13.78 -2.06 14.64
N THR B 106 -13.97 -0.85 15.14
CA THR B 106 -13.65 -0.57 16.55
C THR B 106 -14.58 -1.38 17.50
N GLU B 107 -15.83 -1.66 17.09
CA GLU B 107 -16.72 -2.50 17.90
C GLU B 107 -16.19 -3.93 18.05
N ILE B 108 -15.68 -4.51 16.96
CA ILE B 108 -15.36 -5.97 16.93
C ILE B 108 -13.87 -6.35 17.09
N HIS B 109 -12.99 -5.38 16.89
CA HIS B 109 -11.55 -5.65 16.90
C HIS B 109 -11.08 -6.00 18.30
N SER B 110 -10.24 -7.03 18.41
CA SER B 110 -9.68 -7.42 19.71
C SER B 110 -8.74 -6.36 20.32
N TYR B 111 -8.09 -5.53 19.51
CA TYR B 111 -7.25 -4.48 20.07
C TYR B 111 -8.07 -3.35 20.71
N GLU B 112 -7.56 -2.78 21.80
CA GLU B 112 -8.12 -1.56 22.35
C GLU B 112 -7.91 -0.37 21.43
N LEU B 113 -6.78 -0.33 20.75
CA LEU B 113 -6.47 0.77 19.82
C LEU B 113 -6.02 0.20 18.48
N PRO B 114 -6.98 -0.14 17.61
CA PRO B 114 -6.61 -0.62 16.28
C PRO B 114 -6.15 0.51 15.36
N GLU B 115 -5.61 0.12 14.22
CA GLU B 115 -5.13 1.04 13.19
C GLU B 115 -6.12 1.01 12.01
N ILE B 116 -6.81 2.11 11.77
CA ILE B 116 -7.79 2.17 10.70
C ILE B 116 -7.52 3.44 9.91
N ILE B 117 -6.74 3.31 8.82
CA ILE B 117 -6.26 4.47 8.09
C ILE B 117 -6.61 4.35 6.58
N ALA B 118 -7.28 5.39 6.05
CA ALA B 118 -7.70 5.45 4.65
C ALA B 118 -6.77 6.25 3.77
N THR B 119 -6.54 5.74 2.58
CA THR B 119 -5.86 6.49 1.53
C THR B 119 -6.84 6.70 0.38
N LYS B 120 -6.63 7.76 -0.41
CA LYS B 120 -7.52 8.13 -1.48
C LYS B 120 -7.16 7.45 -2.78
N VAL B 121 -8.15 6.79 -3.40
CA VAL B 121 -8.05 6.31 -4.81
C VAL B 121 -8.36 7.51 -5.70
N VAL B 122 -7.35 8.11 -6.32
CA VAL B 122 -7.58 9.33 -7.13
C VAL B 122 -8.19 9.00 -8.49
N TYR B 123 -7.84 7.86 -9.05
CA TYR B 123 -8.61 7.36 -10.19
C TYR B 123 -8.40 5.88 -10.37
N GLY B 124 -9.25 5.34 -11.23
CA GLY B 124 -9.31 3.90 -11.47
C GLY B 124 -9.94 3.59 -12.80
N ASN B 125 -9.97 2.31 -13.18
CA ASN B 125 -10.75 1.94 -14.32
C ASN B 125 -12.22 2.15 -14.01
N GLU B 126 -12.92 2.83 -14.91
CA GLU B 126 -14.31 3.30 -14.65
C GLU B 126 -15.21 2.15 -14.26
N ASN B 127 -15.11 1.03 -14.95
CA ASN B 127 -15.99 -0.11 -14.64
C ASN B 127 -15.82 -0.58 -13.19
N TYR B 128 -14.59 -0.53 -12.68
CA TYR B 128 -14.31 -0.95 -11.31
C TYR B 128 -14.76 0.07 -10.26
N ILE B 129 -14.50 1.35 -10.52
CA ILE B 129 -15.03 2.42 -9.63
C ILE B 129 -16.58 2.32 -9.53
N ASN B 130 -17.24 2.07 -10.65
CA ASN B 130 -18.70 1.91 -10.67
C ASN B 130 -19.15 0.69 -9.87
N TRP B 131 -18.42 -0.42 -10.03
CA TRP B 131 -18.71 -1.63 -9.29
C TRP B 131 -18.64 -1.45 -7.78
N VAL B 132 -17.58 -0.81 -7.28
CA VAL B 132 -17.47 -0.53 -5.85
C VAL B 132 -18.68 0.28 -5.39
N ASN B 133 -18.99 1.35 -6.10
CA ASN B 133 -20.13 2.24 -5.72
C ASN B 133 -21.49 1.51 -5.76
N GLN B 134 -21.66 0.58 -6.71
CA GLN B 134 -22.91 -0.19 -6.79
C GLN B 134 -23.00 -1.32 -5.73
N THR B 135 -21.84 -1.81 -5.26
CA THR B 135 -21.77 -2.98 -4.35
C THR B 135 -21.97 -2.63 -2.90
N VAL B 136 -21.44 -1.49 -2.47
CA VAL B 136 -21.65 -1.10 -1.08
C VAL B 136 -23.11 -0.69 -0.88
N ARG B 137 -23.58 -0.68 0.37
CA ARG B 137 -25.01 -0.40 0.64
C ARG B 137 -25.42 1.04 0.29
N SER C 34 -6.39 14.75 9.58
CA SER C 34 -5.21 13.80 9.60
C SER C 34 -3.97 14.40 8.95
N ASN C 35 -2.87 14.35 9.69
CA ASN C 35 -1.54 14.59 9.17
C ASN C 35 -0.71 13.32 9.04
N ILE C 36 -1.39 12.16 8.98
CA ILE C 36 -0.69 10.89 8.88
C ILE C 36 -0.32 10.57 7.42
N ILE C 37 0.89 10.01 7.20
CA ILE C 37 1.32 9.48 5.93
C ILE C 37 1.78 8.03 6.07
N LEU C 38 1.69 7.33 4.95
CA LEU C 38 2.16 5.97 4.80
C LEU C 38 3.31 6.01 3.77
N ILE C 39 4.51 5.57 4.18
CA ILE C 39 5.71 5.59 3.35
C ILE C 39 6.14 4.16 2.90
N TYR C 40 6.31 3.99 1.61
CA TYR C 40 6.80 2.73 1.05
C TYR C 40 8.28 2.85 0.86
N ILE C 41 9.03 1.94 1.45
CA ILE C 41 10.50 1.91 1.35
C ILE C 41 10.90 0.48 1.02
N SER C 42 11.70 0.31 -0.01
CA SER C 42 12.07 -1.03 -0.41
C SER C 42 13.49 -1.33 0.10
N ALA C 43 13.77 -2.60 0.41
CA ALA C 43 15.08 -3.04 0.89
C ALA C 43 15.40 -4.40 0.25
N PRO C 44 16.71 -4.74 0.12
CA PRO C 44 17.07 -5.90 -0.75
C PRO C 44 16.93 -7.24 -0.03
N ASN C 45 16.84 -7.19 1.30
CA ASN C 45 16.76 -8.40 2.11
C ASN C 45 16.18 -8.14 3.49
N GLN C 46 15.83 -9.21 4.17
CA GLN C 46 15.13 -9.12 5.44
C GLN C 46 16.02 -8.46 6.53
N ASP C 47 17.31 -8.74 6.51
CA ASP C 47 18.24 -8.19 7.52
C ASP C 47 18.31 -6.66 7.47
N GLU C 48 18.45 -6.11 6.28
CA GLU C 48 18.47 -4.68 6.14
C GLU C 48 17.09 -4.03 6.35
N ALA C 49 16.01 -4.68 5.92
CA ALA C 49 14.66 -4.19 6.18
C ALA C 49 14.45 -4.00 7.68
N THR C 50 14.82 -5.01 8.44
CA THR C 50 14.67 -5.00 9.87
C THR C 50 15.52 -3.96 10.58
N SER C 51 16.80 -3.81 10.19
CA SER C 51 17.66 -2.83 10.85
C SER C 51 17.20 -1.41 10.52
N ILE C 52 16.79 -1.18 9.27
CA ILE C 52 16.23 0.13 8.91
C ILE C 52 14.98 0.42 9.77
N ALA C 53 14.06 -0.54 9.87
CA ALA C 53 12.77 -0.31 10.57
C ALA C 53 13.01 -0.02 12.05
N LYS C 54 13.90 -0.80 12.66
CA LYS C 54 14.18 -0.60 14.08
C LYS C 54 14.85 0.75 14.37
N THR C 55 15.69 1.22 13.45
CA THR C 55 16.36 2.54 13.61
C THR C 55 15.31 3.66 13.57
N LEU C 56 14.43 3.62 12.58
CA LEU C 56 13.38 4.64 12.43
C LEU C 56 12.43 4.67 13.66
N VAL C 57 12.08 3.49 14.14
CA VAL C 57 11.18 3.38 15.28
C VAL C 57 11.92 3.91 16.53
N ASP C 58 13.15 3.49 16.71
CA ASP C 58 13.90 3.83 17.93
C ASP C 58 14.19 5.33 18.03
N GLU C 59 14.50 5.94 16.90
CA GLU C 59 14.76 7.37 16.85
C GLU C 59 13.48 8.21 16.73
N GLU C 60 12.32 7.54 16.80
CA GLU C 60 11.03 8.22 16.85
C GLU C 60 10.73 9.03 15.59
N LEU C 61 11.21 8.54 14.44
CA LEU C 61 10.90 9.14 13.17
C LEU C 61 9.61 8.56 12.60
N CYS C 62 9.12 7.50 13.23
CA CYS C 62 7.81 6.91 12.88
C CYS C 62 7.20 6.27 14.12
N ALA C 63 5.91 5.95 14.04
CA ALA C 63 5.22 5.28 15.14
C ALA C 63 5.32 3.75 15.00
N CYS C 64 5.21 3.23 13.77
CA CYS C 64 5.31 1.80 13.51
C CYS C 64 5.63 1.50 12.05
N VAL C 65 6.16 0.29 11.79
CA VAL C 65 6.48 -0.13 10.46
C VAL C 65 5.92 -1.53 10.29
N SER C 66 5.32 -1.80 9.12
CA SER C 66 4.87 -3.14 8.81
C SER C 66 5.79 -3.65 7.68
N ILE C 67 6.45 -4.79 7.90
CA ILE C 67 7.38 -5.33 6.92
C ILE C 67 6.73 -6.50 6.15
N ILE C 68 6.63 -6.35 4.83
CA ILE C 68 6.06 -7.38 3.96
C ILE C 68 7.21 -8.19 3.36
N PRO C 69 7.24 -9.50 3.63
CA PRO C 69 8.34 -10.27 3.12
C PRO C 69 8.04 -10.79 1.70
N SER C 70 9.09 -11.19 1.02
CA SER C 70 9.02 -12.03 -0.15
C SER C 70 8.41 -11.30 -1.33
N VAL C 71 8.71 -10.02 -1.48
CA VAL C 71 8.14 -9.23 -2.60
C VAL C 71 9.08 -9.36 -3.86
N ARG C 72 8.50 -9.33 -5.06
CA ARG C 72 9.30 -9.35 -6.30
C ARG C 72 9.35 -7.97 -6.93
N SER C 73 10.54 -7.54 -7.34
CA SER C 73 10.75 -6.24 -7.93
C SER C 73 11.08 -6.40 -9.43
N ILE C 74 10.28 -5.79 -10.30
CA ILE C 74 10.42 -5.88 -11.75
C ILE C 74 10.74 -4.51 -12.28
N TYR C 75 11.85 -4.42 -13.03
CA TYR C 75 12.31 -3.12 -13.49
C TYR C 75 13.27 -3.37 -14.66
N LYS C 76 13.52 -2.34 -15.46
CA LYS C 76 14.40 -2.44 -16.63
C LYS C 76 15.77 -1.83 -16.25
N PHE C 77 16.88 -2.48 -16.65
CA PHE C 77 18.20 -1.96 -16.33
C PHE C 77 19.10 -2.24 -17.50
N LYS C 78 19.73 -1.18 -18.02
CA LYS C 78 20.60 -1.28 -19.18
C LYS C 78 19.84 -1.99 -20.33
N GLY C 79 18.54 -1.72 -20.48
CA GLY C 79 17.77 -2.28 -21.59
C GLY C 79 17.15 -3.67 -21.38
N GLN C 80 17.47 -4.32 -20.25
CA GLN C 80 16.97 -5.69 -19.96
C GLN C 80 15.98 -5.65 -18.78
N VAL C 81 14.91 -6.43 -18.86
CA VAL C 81 13.96 -6.52 -17.76
C VAL C 81 14.53 -7.47 -16.70
N HIS C 82 14.56 -7.01 -15.45
CA HIS C 82 14.94 -7.80 -14.27
C HIS C 82 13.77 -8.15 -13.36
N ASP C 83 13.93 -9.23 -12.60
CA ASP C 83 12.96 -9.72 -11.63
C ASP C 83 13.77 -10.17 -10.39
N GLU C 84 13.81 -9.35 -9.34
CA GLU C 84 14.66 -9.57 -8.17
C GLU C 84 13.86 -9.60 -6.87
N ASN C 85 14.41 -10.15 -5.81
CA ASN C 85 13.75 -10.11 -4.51
C ASN C 85 13.88 -8.79 -3.87
N GLU C 86 12.84 -8.43 -3.13
CA GLU C 86 12.95 -7.32 -2.23
C GLU C 86 12.02 -7.58 -1.03
N VAL C 87 12.17 -6.71 -0.05
CA VAL C 87 11.34 -6.69 1.15
C VAL C 87 10.75 -5.26 1.22
N MET C 88 9.46 -5.12 1.54
CA MET C 88 8.80 -3.79 1.54
CA MET C 88 8.82 -3.80 1.54
C MET C 88 8.46 -3.35 2.96
N LEU C 89 8.88 -2.15 3.31
CA LEU C 89 8.49 -1.53 4.60
C LEU C 89 7.32 -0.59 4.32
N LEU C 90 6.27 -0.67 5.14
CA LEU C 90 5.19 0.32 5.14
C LEU C 90 5.30 1.09 6.45
N VAL C 91 5.69 2.36 6.34
CA VAL C 91 6.02 3.13 7.51
C VAL C 91 4.88 4.07 7.79
N LYS C 92 4.43 4.12 9.06
CA LYS C 92 3.39 5.09 9.45
C LYS C 92 3.94 6.21 10.30
N THR C 93 3.74 7.45 9.85
CA THR C 93 4.31 8.57 10.54
C THR C 93 3.47 9.81 10.18
N THR C 94 3.99 10.99 10.50
CA THR C 94 3.32 12.31 10.17
C THR C 94 3.99 13.00 9.00
N SER C 95 3.24 13.82 8.24
CA SER C 95 3.80 14.53 7.11
C SER C 95 5.02 15.36 7.57
N GLN C 96 4.96 15.90 8.78
CA GLN C 96 6.04 16.76 9.32
C GLN C 96 7.39 16.04 9.44
N LEU C 97 7.35 14.73 9.59
CA LEU C 97 8.56 13.95 9.71
C LEU C 97 9.09 13.38 8.39
N PHE C 98 8.38 13.62 7.26
CA PHE C 98 8.82 13.00 6.00
C PHE C 98 10.30 13.32 5.67
N THR C 99 10.65 14.60 5.68
CA THR C 99 11.98 14.98 5.28
C THR C 99 13.09 14.45 6.19
N THR C 100 12.87 14.48 7.52
CA THR C 100 13.86 13.95 8.45
C THR C 100 14.05 12.45 8.28
N LEU C 101 12.95 11.74 8.09
CA LEU C 101 12.97 10.32 7.88
C LEU C 101 13.68 9.98 6.56
N LYS C 102 13.32 10.71 5.51
CA LYS C 102 13.97 10.55 4.20
C LYS C 102 15.49 10.70 4.31
N GLU C 103 15.95 11.71 5.02
CA GLU C 103 17.40 11.91 5.15
C GLU C 103 18.07 10.77 5.89
N LYS C 104 17.41 10.27 6.94
CA LYS C 104 17.98 9.16 7.71
C LYS C 104 18.08 7.93 6.84
N VAL C 105 17.01 7.64 6.11
CA VAL C 105 17.01 6.46 5.24
C VAL C 105 18.09 6.55 4.16
N THR C 106 18.22 7.71 3.53
CA THR C 106 19.21 7.89 2.51
C THR C 106 20.63 7.76 3.12
N GLU C 107 20.81 8.16 4.36
CA GLU C 107 22.11 8.01 5.02
C GLU C 107 22.52 6.56 5.18
N ILE C 108 21.59 5.70 5.61
CA ILE C 108 21.93 4.33 6.00
C ILE C 108 21.65 3.23 4.96
N HIS C 109 20.85 3.53 3.96
CA HIS C 109 20.41 2.52 2.97
C HIS C 109 21.55 2.08 2.09
N SER C 110 21.68 0.76 1.87
CA SER C 110 22.75 0.24 0.98
C SER C 110 22.60 0.67 -0.48
N TYR C 111 21.38 0.96 -0.96
CA TYR C 111 21.21 1.47 -2.34
C TYR C 111 21.73 2.91 -2.52
N GLU C 112 22.31 3.18 -3.69
CA GLU C 112 22.64 4.55 -4.09
C GLU C 112 21.39 5.40 -4.31
N LEU C 113 20.35 4.81 -4.85
CA LEU C 113 19.10 5.53 -5.09
C LEU C 113 17.93 4.71 -4.55
N PRO C 114 17.59 4.88 -3.26
CA PRO C 114 16.48 4.13 -2.67
C PRO C 114 15.15 4.76 -3.05
N GLU C 115 14.10 3.99 -2.79
CA GLU C 115 12.74 4.39 -3.09
C GLU C 115 12.07 4.78 -1.78
N ILE C 116 11.77 6.07 -1.59
CA ILE C 116 11.12 6.56 -0.35
C ILE C 116 9.94 7.43 -0.76
N ILE C 117 8.76 6.82 -0.87
CA ILE C 117 7.59 7.47 -1.47
C ILE C 117 6.40 7.40 -0.52
N ALA C 118 5.74 8.53 -0.33
CA ALA C 118 4.64 8.62 0.63
C ALA C 118 3.28 8.97 0.04
N THR C 119 2.26 8.37 0.61
CA THR C 119 0.89 8.70 0.25
C THR C 119 0.20 9.27 1.49
N LYS C 120 -0.78 10.13 1.26
CA LYS C 120 -1.50 10.79 2.34
C LYS C 120 -2.60 9.88 2.89
N VAL C 121 -2.68 9.82 4.23
CA VAL C 121 -3.85 9.23 4.91
C VAL C 121 -4.89 10.34 5.03
N VAL C 122 -5.99 10.18 4.28
CA VAL C 122 -7.03 11.20 4.26
CA VAL C 122 -7.07 11.17 4.24
C VAL C 122 -7.96 11.15 5.50
N TYR C 123 -8.18 9.95 6.06
CA TYR C 123 -9.04 9.77 7.24
C TYR C 123 -8.44 8.68 8.15
N GLY C 124 -8.61 8.79 9.49
CA GLY C 124 -8.25 7.71 10.41
C GLY C 124 -9.06 7.75 11.67
N ASN C 125 -9.05 6.67 12.45
CA ASN C 125 -9.63 6.72 13.76
C ASN C 125 -8.82 7.70 14.64
N GLU C 126 -9.54 8.56 15.37
CA GLU C 126 -8.93 9.65 16.14
C GLU C 126 -7.92 9.17 17.15
N ASN C 127 -8.24 8.11 17.87
CA ASN C 127 -7.31 7.57 18.86
C ASN C 127 -5.97 7.14 18.26
N TYR C 128 -6.00 6.60 17.04
CA TYR C 128 -4.77 6.22 16.34
C TYR C 128 -3.98 7.41 15.85
N ILE C 129 -4.67 8.40 15.31
CA ILE C 129 -4.01 9.62 14.85
C ILE C 129 -3.30 10.32 16.00
N ASN C 130 -3.96 10.38 17.16
CA ASN C 130 -3.40 10.98 18.38
C ASN C 130 -2.18 10.20 18.86
N TRP C 131 -2.25 8.87 18.82
CA TRP C 131 -1.11 8.01 19.20
C TRP C 131 0.10 8.24 18.32
N VAL C 132 -0.08 8.27 16.98
CA VAL C 132 1.05 8.54 16.08
C VAL C 132 1.69 9.89 16.42
N ASN C 133 0.86 10.91 16.55
CA ASN C 133 1.36 12.25 16.91
C ASN C 133 2.07 12.33 18.27
N GLN C 134 1.61 11.59 19.27
CA GLN C 134 2.25 11.58 20.59
C GLN C 134 3.56 10.74 20.56
N THR C 135 3.67 9.78 19.64
CA THR C 135 4.82 8.87 19.60
C THR C 135 6.02 9.48 18.85
N VAL C 136 5.76 10.16 17.74
CA VAL C 136 6.84 10.62 16.90
C VAL C 136 7.52 11.85 17.50
N ARG C 137 8.71 12.15 17.00
CA ARG C 137 9.47 13.33 17.42
C ARG C 137 8.71 14.56 16.94
N SER C 138 8.67 15.59 17.79
CA SER C 138 8.69 16.95 17.26
C SER C 138 9.66 17.72 18.10
#